data_4LVW
#
_entry.id   4LVW
#
_cell.length_a   26.780
_cell.length_b   68.480
_cell.length_c   156.500
_cell.angle_alpha   90.00
_cell.angle_beta   90.00
_cell.angle_gamma   90.00
#
_symmetry.space_group_name_H-M   'P 21 21 21'
#
loop_
_entity.id
_entity.type
_entity.pdbx_description
1 polymer 'THF riboswitch'
2 non-polymer 7-DEAZAGUANINE
3 water water
#
_entity_poly.entity_id   1
_entity_poly.type   'polyribonucleotide'
_entity_poly.pdbx_seq_one_letter_code
;GGAGAGUAGAUGAUUCGCGUUAAGUGUGUGUGAAUGGGAUGUCGUCACACAACGAAGCGAGAGCGCGGUGAAUCAUUGCA
UCCGCUCCA
;
_entity_poly.pdbx_strand_id   A
#